data_7Z2Q
#
_entry.id   7Z2Q
#
_cell.length_a   45.240
_cell.length_b   68.670
_cell.length_c   159.880
_cell.angle_alpha   90.000
_cell.angle_beta   90.000
_cell.angle_gamma   90.000
#
_symmetry.space_group_name_H-M   'P 21 21 21'
#
loop_
_entity.id
_entity.type
_entity.pdbx_description
1 polymer 'Protein mono-ADP-ribosyltransferase PARP15'
2 non-polymer 5,8-dimethoxy-[1,2,4]triazolo[3,4-b][1,3]benzothiazol-1-amine
3 non-polymer 'DIMETHYL SULFOXIDE'
4 water water
#
_entity_poly.entity_id   1
_entity_poly.type   'polypeptide(L)'
_entity_poly.pdbx_seq_one_letter_code
;MHHHHHHSSGVDLGTENLYFQSMNLPEHWTDMNHQLFCMVQLEPGQSEYNTIKDKFTRTCSSYAIEKIERIQNAFLWQSY
QVKKRQMDIKNDHKNNERLLFHGTDADSVPYVNQHGFNRSCAGKNAVSYGKGTYFAVDASYSAKDTYSKPDSNGRKHMYV
VRVLTGVFTKGRAGLVTPPPKNPHNPTDLFDSVTNNTRSPKLFVVFFDNQAYPEYLITFTA
;
_entity_poly.pdbx_strand_id   A,B
#
loop_
_chem_comp.id
_chem_comp.type
_chem_comp.name
_chem_comp.formula
DMS non-polymer 'DIMETHYL SULFOXIDE' 'C2 H6 O S'
IAO non-polymer 5,8-dimethoxy-[1,2,4]triazolo[3,4-b][1,3]benzothiazol-1-amine 'C10 H10 N4 O2 S'
#
# COMPACT_ATOMS: atom_id res chain seq x y z
N ASN A 24 14.40 14.20 -2.11
CA ASN A 24 15.29 14.40 -0.92
C ASN A 24 16.01 13.08 -0.60
N LEU A 25 16.86 12.62 -1.53
CA LEU A 25 17.59 11.32 -1.45
C LEU A 25 18.74 11.46 -0.43
N PRO A 26 18.91 10.52 0.52
CA PRO A 26 19.81 10.72 1.65
C PRO A 26 21.26 11.01 1.24
N GLU A 27 21.99 11.70 2.12
CA GLU A 27 23.41 12.12 1.93
C GLU A 27 24.28 10.90 1.57
N HIS A 28 24.20 9.82 2.36
CA HIS A 28 25.10 8.62 2.28
C HIS A 28 24.86 7.82 1.00
N TRP A 29 23.82 8.13 0.24
CA TRP A 29 23.60 7.50 -1.09
C TRP A 29 24.70 7.99 -2.01
N THR A 30 25.07 7.18 -2.99
CA THR A 30 26.05 7.57 -4.04
C THR A 30 25.25 7.88 -5.30
N ASP A 31 25.88 8.62 -6.21
CA ASP A 31 25.30 9.13 -7.48
C ASP A 31 24.75 7.97 -8.32
N MET A 32 23.60 8.18 -8.96
CA MET A 32 22.90 7.11 -9.72
C MET A 32 22.78 7.48 -11.19
N ASN A 33 23.49 8.53 -11.64
CA ASN A 33 23.56 8.94 -13.07
C ASN A 33 22.14 9.14 -13.58
N HIS A 34 21.32 9.84 -12.80
CA HIS A 34 19.94 10.26 -13.15
C HIS A 34 19.00 9.06 -13.18
N GLN A 35 19.41 7.91 -12.63
CA GLN A 35 18.51 6.73 -12.52
C GLN A 35 17.90 6.71 -11.12
N LEU A 36 16.82 5.96 -10.97
CA LEU A 36 15.96 5.96 -9.76
C LEU A 36 16.17 4.68 -8.95
N PHE A 37 17.00 3.75 -9.45
CA PHE A 37 17.22 2.46 -8.75
C PHE A 37 18.66 1.97 -8.94
N CYS A 38 19.36 1.69 -7.84
CA CYS A 38 20.70 1.05 -7.84
C CYS A 38 20.90 0.24 -6.56
N MET A 39 21.55 -0.92 -6.68
CA MET A 39 22.11 -1.75 -5.58
C MET A 39 23.62 -1.48 -5.50
N VAL A 40 24.11 -0.89 -4.41
CA VAL A 40 25.53 -0.47 -4.27
C VAL A 40 26.20 -1.39 -3.27
N GLN A 41 27.12 -2.23 -3.73
CA GLN A 41 27.92 -3.09 -2.84
C GLN A 41 28.73 -2.19 -1.91
N LEU A 42 28.66 -2.41 -0.60
CA LEU A 42 29.46 -1.65 0.39
C LEU A 42 30.89 -2.17 0.38
N GLU A 43 31.83 -1.28 0.70
CA GLU A 43 33.27 -1.58 0.90
C GLU A 43 33.49 -2.17 2.29
N PRO A 44 34.02 -3.40 2.44
CA PRO A 44 34.37 -3.91 3.77
C PRO A 44 35.36 -2.99 4.50
N GLY A 45 35.17 -2.81 5.81
CA GLY A 45 36.10 -2.03 6.64
C GLY A 45 35.73 -0.56 6.72
N GLN A 46 34.88 -0.04 5.82
CA GLN A 46 34.41 1.38 5.95
C GLN A 46 33.22 1.45 6.91
N SER A 47 33.00 2.66 7.42
CA SER A 47 32.05 2.96 8.53
C SER A 47 30.68 2.28 8.31
N GLU A 48 30.05 2.51 7.15
CA GLU A 48 28.68 2.05 6.83
C GLU A 48 28.64 0.52 6.89
N TYR A 49 29.61 -0.13 6.24
CA TYR A 49 29.72 -1.60 6.26
C TYR A 49 29.84 -2.11 7.71
N ASN A 50 30.77 -1.53 8.47
CA ASN A 50 31.07 -1.95 9.87
C ASN A 50 29.81 -1.81 10.73
N THR A 51 29.05 -0.72 10.56
CA THR A 51 27.80 -0.50 11.33
C THR A 51 26.80 -1.64 11.04
N ILE A 52 26.52 -1.92 9.78
CA ILE A 52 25.49 -2.92 9.40
C ILE A 52 26.00 -4.31 9.77
N LYS A 53 27.30 -4.56 9.61
CA LYS A 53 27.91 -5.86 9.96
C LYS A 53 27.73 -6.11 11.47
N ASP A 54 28.03 -5.13 12.33
CA ASP A 54 27.90 -5.30 13.79
C ASP A 54 26.44 -5.63 14.16
N LYS A 55 25.44 -5.03 13.50
CA LYS A 55 24.01 -5.23 13.88
C LYS A 55 23.64 -6.69 13.63
N PHE A 56 24.19 -7.28 12.58
CA PHE A 56 23.99 -8.68 12.17
C PHE A 56 24.74 -9.61 13.12
N THR A 57 26.04 -9.33 13.34
CA THR A 57 26.98 -10.21 14.10
C THR A 57 26.64 -10.17 15.59
N ARG A 58 25.90 -9.16 16.06
CA ARG A 58 25.33 -9.17 17.43
C ARG A 58 24.75 -10.56 17.74
N THR A 59 24.01 -11.18 16.81
CA THR A 59 23.33 -12.47 17.06
C THR A 59 23.71 -13.52 16.02
N CYS A 60 24.46 -13.16 14.98
CA CYS A 60 24.78 -14.05 13.83
C CYS A 60 26.28 -14.14 13.56
N SER A 61 27.11 -14.14 14.60
CA SER A 61 28.59 -14.08 14.46
C SER A 61 29.11 -15.41 13.90
N SER A 62 28.32 -16.49 13.86
CA SER A 62 28.79 -17.81 13.34
C SER A 62 28.59 -17.94 11.82
N TYR A 63 27.90 -17.00 11.19
CA TYR A 63 27.64 -17.03 9.72
C TYR A 63 28.79 -16.32 9.01
N ALA A 64 28.97 -16.57 7.72
CA ALA A 64 29.97 -15.86 6.87
C ALA A 64 29.24 -14.85 5.98
N ILE A 65 29.61 -13.58 6.10
CA ILE A 65 29.13 -12.48 5.22
C ILE A 65 29.94 -12.45 3.92
N GLU A 66 29.24 -12.65 2.80
CA GLU A 66 29.80 -12.56 1.44
C GLU A 66 29.74 -11.09 0.99
N LYS A 67 28.64 -10.38 1.24
CA LYS A 67 28.57 -8.94 0.89
C LYS A 67 27.35 -8.29 1.51
N ILE A 68 27.41 -6.96 1.58
CA ILE A 68 26.31 -6.06 2.02
C ILE A 68 26.11 -5.01 0.94
N GLU A 69 24.88 -4.90 0.45
CA GLU A 69 24.50 -3.92 -0.59
C GLU A 69 23.54 -2.90 0.02
N ARG A 70 23.78 -1.62 -0.27
CA ARG A 70 22.84 -0.50 -0.02
C ARG A 70 21.78 -0.51 -1.12
N ILE A 71 20.50 -0.59 -0.75
CA ILE A 71 19.35 -0.48 -1.72
C ILE A 71 19.03 1.00 -1.93
N GLN A 72 19.25 1.52 -3.14
CA GLN A 72 18.91 2.93 -3.47
C GLN A 72 17.70 2.89 -4.41
N ASN A 73 16.51 2.95 -3.83
CA ASN A 73 15.21 2.91 -4.52
C ASN A 73 14.51 4.23 -4.20
N ALA A 74 14.59 5.20 -5.10
CA ALA A 74 14.07 6.57 -4.88
C ALA A 74 12.56 6.55 -4.70
N PHE A 75 11.83 5.71 -5.46
CA PHE A 75 10.34 5.64 -5.37
C PHE A 75 9.94 5.09 -3.98
N LEU A 76 10.46 3.91 -3.61
CA LEU A 76 10.19 3.30 -2.28
C LEU A 76 10.58 4.28 -1.18
N TRP A 77 11.76 4.91 -1.29
CA TRP A 77 12.24 5.88 -0.27
C TRP A 77 11.23 7.03 -0.13
N GLN A 78 10.81 7.62 -1.25
CA GLN A 78 9.88 8.78 -1.22
C GLN A 78 8.55 8.38 -0.55
N SER A 79 7.96 7.26 -0.95
CA SER A 79 6.67 6.76 -0.41
C SER A 79 6.83 6.45 1.08
N TYR A 80 7.96 5.86 1.48
CA TYR A 80 8.28 5.59 2.90
C TYR A 80 8.40 6.91 3.68
N GLN A 81 9.12 7.91 3.16
CA GLN A 81 9.36 9.18 3.91
C GLN A 81 8.04 9.94 4.08
N VAL A 82 7.14 9.87 3.09
CA VAL A 82 5.79 10.48 3.18
C VAL A 82 5.05 9.84 4.34
N LYS A 83 5.06 8.51 4.42
CA LYS A 83 4.38 7.79 5.52
C LYS A 83 5.03 8.18 6.86
N LYS A 84 6.34 8.32 6.92
CA LYS A 84 7.05 8.70 8.18
C LYS A 84 6.58 10.10 8.62
N ARG A 85 6.55 11.08 7.70
CA ARG A 85 6.14 12.47 8.05
C ARG A 85 4.68 12.46 8.55
N GLN A 86 3.81 11.66 7.94
CA GLN A 86 2.39 11.51 8.35
C GLN A 86 2.30 10.91 9.75
N MET A 87 3.08 9.86 10.02
CA MET A 87 3.06 9.17 11.34
C MET A 87 3.67 10.09 12.40
N ASP A 88 4.69 10.87 12.07
CA ASP A 88 5.30 11.85 13.01
C ASP A 88 4.22 12.90 13.38
N ILE A 89 3.41 13.36 12.44
CA ILE A 89 2.32 14.35 12.73
C ILE A 89 1.24 13.67 13.59
N LYS A 90 0.77 12.51 13.16
CA LYS A 90 -0.33 11.75 13.81
C LYS A 90 0.04 11.43 15.26
N ASN A 91 1.27 10.97 15.50
CA ASN A 91 1.70 10.50 16.84
C ASN A 91 2.23 11.67 17.69
N ASP A 92 2.49 12.84 17.09
CA ASP A 92 2.90 14.07 17.82
C ASP A 92 4.28 13.84 18.45
N HIS A 93 5.03 12.89 17.92
CA HIS A 93 6.40 12.55 18.39
C HIS A 93 7.10 11.91 17.21
N LYS A 94 8.41 11.67 17.32
CA LYS A 94 9.23 11.24 16.15
C LYS A 94 10.07 10.01 16.48
N ASN A 95 9.59 9.11 17.34
CA ASN A 95 10.31 7.82 17.53
C ASN A 95 9.47 6.69 16.95
N ASN A 96 9.07 6.82 15.69
CA ASN A 96 8.14 5.88 15.03
C ASN A 96 8.92 4.84 14.21
N GLU A 97 10.25 4.95 14.14
CA GLU A 97 11.10 4.14 13.23
C GLU A 97 11.96 3.16 14.05
N ARG A 98 12.14 1.93 13.55
CA ARG A 98 13.08 0.93 14.11
C ARG A 98 13.82 0.23 12.97
N LEU A 99 15.01 -0.27 13.28
CA LEU A 99 15.81 -1.04 12.31
C LEU A 99 15.61 -2.53 12.59
N LEU A 100 15.02 -3.24 11.66
CA LEU A 100 14.66 -4.66 11.88
C LEU A 100 15.19 -5.49 10.72
N PHE A 101 15.06 -6.80 10.83
CA PHE A 101 15.60 -7.79 9.88
C PHE A 101 14.45 -8.52 9.20
N HIS A 102 14.65 -8.87 7.94
CA HIS A 102 13.69 -9.71 7.18
C HIS A 102 14.47 -10.69 6.32
N GLY A 103 14.35 -11.97 6.62
CA GLY A 103 14.90 -13.05 5.78
C GLY A 103 14.02 -13.25 4.56
N THR A 104 14.64 -13.53 3.41
CA THR A 104 13.92 -13.79 2.14
C THR A 104 14.63 -14.92 1.37
N ASP A 105 13.86 -15.68 0.60
CA ASP A 105 14.41 -16.66 -0.38
C ASP A 105 14.97 -15.85 -1.55
N ALA A 106 15.97 -16.40 -2.24
CA ALA A 106 16.66 -15.78 -3.40
C ALA A 106 15.64 -15.26 -4.42
N ASP A 107 14.57 -16.00 -4.66
CA ASP A 107 13.62 -15.73 -5.77
C ASP A 107 12.81 -14.46 -5.49
N SER A 108 12.73 -14.02 -4.22
CA SER A 108 11.95 -12.83 -3.81
C SER A 108 12.79 -11.55 -3.78
N VAL A 109 14.12 -11.67 -3.83
CA VAL A 109 15.07 -10.53 -3.67
C VAL A 109 14.82 -9.47 -4.74
N PRO A 110 14.74 -9.79 -6.05
CA PRO A 110 14.51 -8.77 -7.07
C PRO A 110 13.21 -7.99 -6.83
N TYR A 111 12.13 -8.70 -6.52
CA TYR A 111 10.83 -8.08 -6.18
C TYR A 111 11.01 -7.08 -5.01
N VAL A 112 11.58 -7.52 -3.89
CA VAL A 112 11.74 -6.68 -2.68
C VAL A 112 12.63 -5.47 -3.03
N ASN A 113 13.73 -5.65 -3.76
CA ASN A 113 14.65 -4.52 -4.08
C ASN A 113 13.88 -3.43 -4.81
N GLN A 114 12.93 -3.85 -5.64
CA GLN A 114 12.16 -3.02 -6.59
C GLN A 114 10.88 -2.48 -5.94
N HIS A 115 10.11 -3.35 -5.27
CA HIS A 115 8.71 -3.03 -4.84
C HIS A 115 8.56 -3.06 -3.32
N GLY A 116 9.60 -3.42 -2.57
CA GLY A 116 9.55 -3.53 -1.11
C GLY A 116 8.72 -4.73 -0.67
N PHE A 117 8.06 -4.64 0.48
CA PHE A 117 7.43 -5.78 1.18
C PHE A 117 5.92 -5.77 0.94
N ASN A 118 5.39 -6.94 0.60
CA ASN A 118 4.00 -7.09 0.13
C ASN A 118 3.33 -8.19 0.95
N ARG A 119 2.42 -7.80 1.83
CA ARG A 119 1.65 -8.73 2.71
C ARG A 119 0.91 -9.78 1.87
N SER A 120 0.56 -9.49 0.60
CA SER A 120 -0.22 -10.40 -0.27
C SER A 120 0.63 -11.60 -0.75
N CYS A 121 1.96 -11.59 -0.52
CA CYS A 121 2.90 -12.60 -1.08
C CYS A 121 3.17 -13.73 -0.07
N ASN A 125 4.64 -19.78 5.43
CA ASN A 125 5.06 -19.47 6.83
C ASN A 125 3.82 -19.07 7.64
N ALA A 126 3.92 -19.09 8.97
CA ALA A 126 2.77 -18.92 9.90
C ALA A 126 2.66 -17.46 10.30
N VAL A 127 1.46 -16.89 10.15
CA VAL A 127 1.14 -15.46 10.42
C VAL A 127 0.30 -15.37 11.72
N SER A 128 0.85 -15.92 12.80
CA SER A 128 0.22 -16.00 14.15
C SER A 128 -0.15 -14.64 14.72
N TYR A 129 0.48 -13.54 14.29
CA TYR A 129 0.21 -12.20 14.89
C TYR A 129 -0.49 -11.30 13.87
N GLY A 130 -0.91 -11.85 12.72
CA GLY A 130 -1.73 -11.12 11.74
C GLY A 130 -1.21 -11.27 10.33
N LYS A 131 -2.03 -10.87 9.34
CA LYS A 131 -1.72 -11.04 7.90
C LYS A 131 -1.02 -9.78 7.40
N GLY A 132 0.21 -9.56 7.88
CA GLY A 132 1.06 -8.45 7.39
C GLY A 132 2.44 -8.96 7.03
N THR A 133 3.40 -8.06 6.97
CA THR A 133 4.81 -8.41 6.70
C THR A 133 5.52 -8.47 8.06
N TYR A 134 6.34 -9.50 8.27
CA TYR A 134 6.99 -9.76 9.58
C TYR A 134 8.43 -9.27 9.57
N PHE A 135 8.88 -8.70 10.68
CA PHE A 135 10.26 -8.18 10.85
C PHE A 135 10.78 -8.58 12.23
N ALA A 136 12.00 -9.08 12.31
CA ALA A 136 12.62 -9.60 13.55
C ALA A 136 13.48 -8.52 14.18
N VAL A 137 13.50 -8.46 15.51
CA VAL A 137 14.44 -7.56 16.24
C VAL A 137 15.85 -8.13 16.07
N ASP A 138 15.99 -9.46 16.05
CA ASP A 138 17.32 -10.12 16.01
C ASP A 138 17.52 -10.80 14.66
N ALA A 139 18.69 -10.61 14.06
CA ALA A 139 19.12 -11.29 12.81
C ALA A 139 19.04 -12.81 12.96
N SER A 140 19.36 -13.35 14.13
CA SER A 140 19.28 -14.79 14.47
C SER A 140 17.92 -15.37 14.04
N TYR A 141 16.82 -14.65 14.30
CA TYR A 141 15.45 -15.13 13.99
C TYR A 141 15.26 -15.15 12.47
N SER A 142 15.62 -14.06 11.79
CA SER A 142 15.51 -13.94 10.32
C SER A 142 16.44 -14.95 9.62
N ALA A 143 17.52 -15.38 10.28
CA ALA A 143 18.56 -16.28 9.73
C ALA A 143 18.06 -17.73 9.67
N LYS A 144 16.92 -18.04 10.30
CA LYS A 144 16.28 -19.38 10.18
C LYS A 144 16.05 -19.68 8.69
N ASP A 145 16.32 -20.93 8.28
CA ASP A 145 16.21 -21.38 6.87
C ASP A 145 14.77 -21.24 6.36
N THR A 146 13.78 -21.30 7.25
CA THR A 146 12.35 -21.12 6.87
C THR A 146 12.14 -19.70 6.32
N TYR A 147 12.92 -18.71 6.78
CA TYR A 147 12.82 -17.29 6.36
C TYR A 147 13.90 -16.95 5.36
N SER A 148 15.18 -17.21 5.68
CA SER A 148 16.34 -16.95 4.78
C SER A 148 16.74 -18.25 4.09
N LYS A 149 15.89 -18.75 3.18
CA LYS A 149 16.07 -20.08 2.56
C LYS A 149 17.40 -20.13 1.79
N PRO A 150 18.28 -21.09 2.12
CA PRO A 150 19.55 -21.23 1.42
C PRO A 150 19.26 -21.59 -0.04
N ASP A 151 19.92 -20.90 -0.99
CA ASP A 151 19.74 -21.17 -2.43
C ASP A 151 20.62 -22.35 -2.82
N SER A 152 20.66 -22.69 -4.11
CA SER A 152 21.41 -23.84 -4.68
C SER A 152 22.88 -23.80 -4.26
N ASN A 153 23.46 -22.61 -4.07
CA ASN A 153 24.89 -22.43 -3.74
C ASN A 153 25.08 -22.25 -2.23
N GLY A 154 24.01 -22.37 -1.44
CA GLY A 154 24.05 -22.25 0.04
C GLY A 154 23.89 -20.81 0.52
N ARG A 155 23.67 -19.86 -0.39
CA ARG A 155 23.61 -18.41 -0.03
C ARG A 155 22.26 -18.09 0.63
N LYS A 156 22.31 -17.39 1.75
CA LYS A 156 21.12 -16.92 2.48
C LYS A 156 21.03 -15.41 2.29
N HIS A 157 19.82 -14.86 2.35
CA HIS A 157 19.57 -13.43 2.08
C HIS A 157 18.72 -12.82 3.19
N MET A 158 19.15 -11.68 3.72
CA MET A 158 18.43 -10.99 4.80
C MET A 158 18.52 -9.49 4.58
N TYR A 159 17.39 -8.79 4.73
CA TYR A 159 17.36 -7.31 4.62
C TYR A 159 17.49 -6.69 6.00
N VAL A 160 18.19 -5.56 6.08
CA VAL A 160 18.10 -4.60 7.21
C VAL A 160 17.07 -3.58 6.74
N VAL A 161 16.03 -3.34 7.55
CA VAL A 161 14.82 -2.62 7.09
C VAL A 161 14.51 -1.49 8.05
N ARG A 162 14.22 -0.31 7.53
CA ARG A 162 13.65 0.79 8.33
C ARG A 162 12.14 0.56 8.40
N VAL A 163 11.61 0.35 9.60
CA VAL A 163 10.18 0.00 9.78
C VAL A 163 9.51 1.08 10.64
N LEU A 164 8.40 1.60 10.14
CA LEU A 164 7.55 2.56 10.91
C LEU A 164 6.64 1.74 11.82
N THR A 165 7.20 1.26 12.93
CA THR A 165 6.47 0.50 13.99
C THR A 165 5.52 1.42 14.77
N GLY A 166 5.88 2.70 14.89
CA GLY A 166 5.06 3.73 15.57
C GLY A 166 4.56 3.25 16.92
N VAL A 167 3.27 3.44 17.20
CA VAL A 167 2.64 2.96 18.47
C VAL A 167 2.13 1.55 18.21
N PHE A 168 2.50 0.59 19.05
CA PHE A 168 2.18 -0.83 18.78
C PHE A 168 1.44 -1.46 19.95
N THR A 169 0.76 -2.57 19.66
CA THR A 169 0.06 -3.40 20.66
C THR A 169 0.29 -4.86 20.31
N LYS A 170 -0.18 -5.77 21.16
CA LYS A 170 0.01 -7.23 20.93
C LYS A 170 -0.86 -7.63 19.75
N GLY A 171 -0.31 -8.44 18.83
CA GLY A 171 -1.07 -8.95 17.68
C GLY A 171 -1.81 -10.23 18.03
N ARG A 172 -2.56 -10.75 17.06
CA ARG A 172 -3.33 -12.02 17.19
C ARG A 172 -3.60 -12.56 15.78
N ALA A 173 -3.92 -13.84 15.65
CA ALA A 173 -4.13 -14.46 14.34
C ALA A 173 -5.33 -13.80 13.65
N GLY A 174 -5.21 -13.58 12.35
CA GLY A 174 -6.35 -13.18 11.50
C GLY A 174 -6.50 -11.67 11.34
N LEU A 175 -5.73 -10.85 12.06
CA LEU A 175 -5.75 -9.37 11.83
C LEU A 175 -5.41 -9.08 10.36
N VAL A 176 -6.14 -8.19 9.72
CA VAL A 176 -5.81 -7.66 8.36
C VAL A 176 -5.26 -6.23 8.48
N THR A 177 -5.53 -5.58 9.61
CA THR A 177 -4.93 -4.26 9.98
C THR A 177 -4.62 -4.32 11.47
N PRO A 178 -3.82 -3.36 12.00
CA PRO A 178 -3.62 -3.28 13.45
C PRO A 178 -4.96 -2.97 14.09
N PRO A 179 -5.17 -3.37 15.37
CA PRO A 179 -6.40 -3.04 16.09
C PRO A 179 -6.60 -1.54 16.30
N PRO A 180 -7.85 -1.09 16.57
CA PRO A 180 -8.08 0.29 17.01
C PRO A 180 -7.40 0.63 18.35
N LYS A 181 -6.94 1.87 18.50
CA LYS A 181 -6.37 2.36 19.79
C LYS A 181 -7.48 2.50 20.83
N ASN A 182 -8.74 2.55 20.39
CA ASN A 182 -9.93 2.67 21.27
C ASN A 182 -11.16 2.19 20.48
N PRO A 183 -11.86 1.13 20.91
CA PRO A 183 -13.05 0.65 20.19
C PRO A 183 -14.20 1.67 20.04
N HIS A 184 -14.10 2.84 20.69
CA HIS A 184 -15.04 3.99 20.53
C HIS A 184 -14.72 4.79 19.25
N ASN A 185 -13.45 4.80 18.79
CA ASN A 185 -13.07 5.26 17.43
C ASN A 185 -12.40 4.10 16.68
N PRO A 186 -13.19 3.23 16.03
CA PRO A 186 -12.64 2.06 15.34
C PRO A 186 -11.69 2.36 14.16
N THR A 187 -11.51 3.62 13.73
CA THR A 187 -10.64 3.98 12.58
C THR A 187 -9.30 4.56 13.04
N ASP A 188 -9.14 4.92 14.30
CA ASP A 188 -7.83 5.41 14.85
C ASP A 188 -7.01 4.18 15.24
N LEU A 189 -6.03 3.77 14.43
CA LEU A 189 -5.39 2.42 14.54
C LEU A 189 -4.01 2.52 15.18
N PHE A 190 -3.58 1.45 15.85
CA PHE A 190 -2.15 1.23 16.18
C PHE A 190 -1.38 1.27 14.86
N ASP A 191 -0.07 1.51 14.89
CA ASP A 191 0.74 1.56 13.65
C ASP A 191 1.24 0.18 13.28
N SER A 192 1.44 -0.67 14.30
CA SER A 192 1.95 -2.05 14.10
C SER A 192 1.49 -2.94 15.24
N VAL A 193 1.72 -4.25 15.14
CA VAL A 193 1.56 -5.19 16.28
C VAL A 193 2.86 -5.95 16.53
N THR A 194 2.94 -6.55 17.70
CA THR A 194 4.14 -7.29 18.16
C THR A 194 3.67 -8.57 18.85
N ASN A 195 4.60 -9.49 19.09
CA ASN A 195 4.38 -10.72 19.90
C ASN A 195 4.25 -10.35 21.39
N ASN A 196 4.95 -9.30 21.83
CA ASN A 196 5.14 -8.92 23.26
C ASN A 196 5.47 -7.43 23.36
N THR A 197 4.62 -6.63 24.02
CA THR A 197 4.75 -5.15 24.02
C THR A 197 5.88 -4.71 24.96
N ARG A 198 6.15 -5.44 26.03
CA ARG A 198 7.22 -5.10 27.02
C ARG A 198 8.60 -5.46 26.45
N SER A 199 8.70 -6.54 25.67
CA SER A 199 10.00 -7.04 25.17
C SER A 199 9.81 -7.64 23.77
N PRO A 200 9.61 -6.77 22.77
CA PRO A 200 9.26 -7.22 21.43
C PRO A 200 10.42 -7.94 20.72
N LYS A 201 10.11 -9.01 20.00
CA LYS A 201 11.11 -9.71 19.17
C LYS A 201 10.64 -9.70 17.72
N LEU A 202 9.36 -9.44 17.46
CA LEU A 202 8.92 -9.21 16.07
C LEU A 202 7.84 -8.13 16.01
N PHE A 203 7.73 -7.55 14.82
CA PHE A 203 6.76 -6.49 14.47
C PHE A 203 6.11 -6.89 13.15
N VAL A 204 4.82 -6.63 13.05
CA VAL A 204 4.01 -6.86 11.83
C VAL A 204 3.44 -5.51 11.40
N VAL A 205 3.68 -5.15 10.14
CA VAL A 205 3.02 -3.95 9.54
C VAL A 205 2.11 -4.44 8.42
N PHE A 206 1.03 -3.70 8.20
CA PHE A 206 -0.11 -4.17 7.38
C PHE A 206 -0.30 -3.28 6.16
N PHE A 207 0.61 -2.35 5.87
CA PHE A 207 0.46 -1.38 4.76
C PHE A 207 1.76 -1.28 3.94
N ASP A 208 1.61 -1.05 2.64
CA ASP A 208 2.74 -0.83 1.71
C ASP A 208 3.44 0.46 2.14
N ASN A 209 4.75 0.53 2.03
CA ASN A 209 5.47 1.82 2.27
C ASN A 209 5.51 2.12 3.77
N GLN A 210 5.32 1.11 4.62
CA GLN A 210 5.63 1.25 6.06
C GLN A 210 7.01 0.67 6.36
N ALA A 211 7.71 0.12 5.36
CA ALA A 211 9.02 -0.55 5.53
C ALA A 211 9.90 -0.23 4.33
N TYR A 212 11.09 0.31 4.57
CA TYR A 212 12.08 0.59 3.50
C TYR A 212 13.22 -0.41 3.62
N PRO A 213 13.43 -1.29 2.61
CA PRO A 213 14.54 -2.23 2.64
C PRO A 213 15.83 -1.42 2.41
N GLU A 214 16.71 -1.32 3.40
CA GLU A 214 17.86 -0.37 3.34
C GLU A 214 19.14 -1.08 2.93
N TYR A 215 19.39 -2.29 3.45
CA TYR A 215 20.59 -3.11 3.12
C TYR A 215 20.16 -4.55 2.86
N LEU A 216 20.84 -5.19 1.90
CA LEU A 216 20.73 -6.65 1.68
C LEU A 216 22.05 -7.31 2.08
N ILE A 217 21.98 -8.23 3.04
CA ILE A 217 23.14 -9.06 3.50
C ILE A 217 23.02 -10.41 2.79
N THR A 218 24.06 -10.77 2.05
CA THR A 218 24.26 -12.12 1.49
C THR A 218 25.29 -12.83 2.36
N PHE A 219 24.93 -14.00 2.89
CA PHE A 219 25.70 -14.73 3.92
C PHE A 219 25.48 -16.23 3.78
N THR A 220 26.32 -17.01 4.46
CA THR A 220 26.27 -18.50 4.45
C THR A 220 26.39 -19.01 5.88
N ALA A 221 25.87 -20.23 6.11
CA ALA A 221 25.96 -20.97 7.39
C ALA A 221 27.41 -21.41 7.60
N ASN B 24 0.53 20.71 -0.42
CA ASN B 24 0.08 20.41 -1.83
C ASN B 24 -1.44 20.15 -1.89
N LEU B 25 -2.23 20.55 -0.89
CA LEU B 25 -3.70 20.28 -0.90
C LEU B 25 -4.36 21.17 -1.96
N PRO B 26 -5.34 20.65 -2.75
CA PRO B 26 -5.93 21.43 -3.85
C PRO B 26 -6.63 22.71 -3.34
N GLU B 27 -6.52 23.79 -4.10
CA GLU B 27 -6.91 25.15 -3.61
C GLU B 27 -8.43 25.32 -3.50
N HIS B 28 -9.23 24.51 -4.20
CA HIS B 28 -10.71 24.58 -4.12
C HIS B 28 -11.26 23.80 -2.92
N TRP B 29 -10.43 23.05 -2.18
CA TRP B 29 -10.91 22.37 -0.94
C TRP B 29 -11.31 23.45 0.06
N THR B 30 -12.32 23.19 0.87
CA THR B 30 -12.67 24.03 2.05
C THR B 30 -11.49 24.02 3.02
N ASP B 31 -11.29 25.12 3.74
CA ASP B 31 -10.27 25.20 4.81
C ASP B 31 -10.63 24.17 5.88
N MET B 32 -9.68 23.35 6.31
CA MET B 32 -9.97 22.22 7.23
C MET B 32 -9.61 22.57 8.69
N ASN B 33 -9.07 23.78 8.93
CA ASN B 33 -8.64 24.27 10.26
C ASN B 33 -7.54 23.37 10.82
N HIS B 34 -6.46 23.17 10.05
CA HIS B 34 -5.33 22.29 10.43
C HIS B 34 -5.81 20.84 10.63
N GLN B 35 -7.10 20.53 10.43
CA GLN B 35 -7.65 19.14 10.49
C GLN B 35 -7.19 18.35 9.25
N LEU B 36 -7.10 17.02 9.40
CA LEU B 36 -6.52 16.09 8.41
C LEU B 36 -7.62 15.50 7.52
N PHE B 37 -8.88 15.63 7.93
CA PHE B 37 -10.01 14.93 7.29
C PHE B 37 -11.30 15.72 7.45
N CYS B 38 -12.10 15.73 6.39
CA CYS B 38 -13.52 16.15 6.49
C CYS B 38 -14.25 15.82 5.19
N MET B 39 -15.58 15.71 5.31
CA MET B 39 -16.53 15.41 4.22
C MET B 39 -17.25 16.73 3.95
N VAL B 40 -17.33 17.15 2.69
CA VAL B 40 -17.99 18.42 2.29
C VAL B 40 -19.20 18.07 1.43
N GLN B 41 -20.39 18.40 1.94
CA GLN B 41 -21.64 18.26 1.20
C GLN B 41 -21.66 19.24 0.02
N LEU B 42 -21.94 18.74 -1.19
CA LEU B 42 -22.00 19.55 -2.42
C LEU B 42 -23.42 20.05 -2.68
N GLU B 43 -23.53 21.19 -3.37
CA GLU B 43 -24.81 21.86 -3.73
C GLU B 43 -25.19 21.52 -5.17
N PRO B 44 -26.40 20.96 -5.39
CA PRO B 44 -26.94 20.78 -6.74
C PRO B 44 -26.94 22.14 -7.45
N GLY B 45 -26.69 22.17 -8.76
CA GLY B 45 -26.50 23.45 -9.46
C GLY B 45 -25.03 23.84 -9.57
N GLN B 46 -24.16 23.39 -8.68
CA GLN B 46 -22.70 23.58 -8.86
C GLN B 46 -22.22 22.57 -9.90
N SER B 47 -21.27 22.98 -10.73
CA SER B 47 -20.66 22.11 -11.76
C SER B 47 -20.12 20.83 -11.09
N GLU B 48 -19.50 20.95 -9.91
CA GLU B 48 -18.86 19.80 -9.26
C GLU B 48 -19.93 18.73 -8.95
N TYR B 49 -21.07 19.13 -8.42
CA TYR B 49 -22.17 18.18 -8.10
C TYR B 49 -22.76 17.65 -9.41
N ASN B 50 -23.04 18.55 -10.35
CA ASN B 50 -23.80 18.21 -11.57
C ASN B 50 -23.00 17.23 -12.44
N THR B 51 -21.68 17.36 -12.55
CA THR B 51 -20.90 16.42 -13.41
CA THR B 51 -20.89 16.43 -13.40
C THR B 51 -20.90 15.01 -12.80
N ILE B 52 -20.77 14.91 -11.48
CA ILE B 52 -20.84 13.58 -10.80
C ILE B 52 -22.25 12.99 -11.00
N LYS B 53 -23.30 13.78 -10.82
CA LYS B 53 -24.70 13.31 -11.03
C LYS B 53 -24.86 12.80 -12.48
N ASP B 54 -24.41 13.56 -13.47
CA ASP B 54 -24.46 13.14 -14.90
C ASP B 54 -23.69 11.82 -15.10
N LYS B 55 -22.51 11.70 -14.51
CA LYS B 55 -21.67 10.49 -14.66
C LYS B 55 -22.42 9.27 -14.09
N PHE B 56 -23.02 9.44 -12.92
CA PHE B 56 -23.83 8.40 -12.24
C PHE B 56 -25.07 8.03 -13.10
N THR B 57 -25.86 9.03 -13.49
CA THR B 57 -27.21 8.82 -14.10
C THR B 57 -27.05 8.30 -15.53
N ARG B 58 -25.90 8.52 -16.15
CA ARG B 58 -25.60 7.95 -17.50
C ARG B 58 -26.01 6.47 -17.54
N THR B 59 -25.83 5.72 -16.45
CA THR B 59 -26.13 4.27 -16.40
C THR B 59 -27.02 3.90 -15.21
N CYS B 60 -27.28 4.81 -14.27
CA CYS B 60 -28.12 4.57 -13.06
C CYS B 60 -29.32 5.52 -13.02
N SER B 61 -30.05 5.65 -14.11
CA SER B 61 -31.16 6.64 -14.25
C SER B 61 -32.36 6.22 -13.38
N SER B 62 -32.43 4.97 -12.92
CA SER B 62 -33.56 4.44 -12.12
C SER B 62 -33.42 4.83 -10.63
N TYR B 63 -32.21 5.10 -10.14
CA TYR B 63 -31.94 5.46 -8.72
C TYR B 63 -32.01 6.97 -8.58
N ALA B 64 -32.13 7.47 -7.36
CA ALA B 64 -32.11 8.92 -7.05
C ALA B 64 -31.01 9.17 -6.04
N ILE B 65 -30.26 10.25 -6.23
CA ILE B 65 -29.15 10.64 -5.32
C ILE B 65 -29.70 11.42 -4.12
N GLU B 66 -29.32 11.00 -2.91
CA GLU B 66 -29.63 11.74 -1.65
C GLU B 66 -28.66 12.91 -1.51
N LYS B 67 -27.36 12.63 -1.60
CA LYS B 67 -26.32 13.67 -1.51
C LYS B 67 -25.01 13.17 -2.11
N ILE B 68 -24.12 14.11 -2.41
CA ILE B 68 -22.74 13.83 -2.90
C ILE B 68 -21.81 14.61 -1.98
N GLU B 69 -20.88 13.90 -1.32
CA GLU B 69 -19.88 14.50 -0.39
C GLU B 69 -18.51 14.47 -1.05
N ARG B 70 -17.81 15.60 -1.08
CA ARG B 70 -16.37 15.63 -1.43
C ARG B 70 -15.58 15.14 -0.23
N ILE B 71 -14.73 14.13 -0.43
CA ILE B 71 -13.82 13.57 0.61
C ILE B 71 -12.51 14.36 0.58
N GLN B 72 -12.19 15.01 1.69
CA GLN B 72 -10.94 15.79 1.92
C GLN B 72 -10.12 15.04 2.96
N ASN B 73 -9.30 14.10 2.49
CA ASN B 73 -8.37 13.30 3.32
C ASN B 73 -6.94 13.68 2.92
N ALA B 74 -6.29 14.52 3.73
CA ALA B 74 -4.97 15.13 3.43
C ALA B 74 -3.93 14.02 3.22
N PHE B 75 -3.85 13.05 4.13
CA PHE B 75 -2.87 11.94 4.11
C PHE B 75 -3.10 11.04 2.90
N LEU B 76 -4.33 10.58 2.63
CA LEU B 76 -4.61 9.68 1.47
C LEU B 76 -4.25 10.46 0.18
N TRP B 77 -4.54 11.76 0.16
CA TRP B 77 -4.31 12.61 -1.04
C TRP B 77 -2.81 12.69 -1.31
N GLN B 78 -1.99 12.98 -0.29
CA GLN B 78 -0.51 13.09 -0.44
C GLN B 78 0.07 11.78 -0.97
N SER B 79 -0.27 10.66 -0.35
CA SER B 79 0.26 9.32 -0.72
C SER B 79 -0.16 8.98 -2.14
N TYR B 80 -1.43 9.24 -2.48
CA TYR B 80 -1.95 9.02 -3.84
C TYR B 80 -1.19 9.92 -4.82
N GLN B 81 -1.03 11.21 -4.51
CA GLN B 81 -0.33 12.12 -5.45
C GLN B 81 1.14 11.68 -5.64
N VAL B 82 1.80 11.15 -4.61
CA VAL B 82 3.20 10.64 -4.75
C VAL B 82 3.18 9.44 -5.72
N LYS B 83 2.26 8.48 -5.55
CA LYS B 83 2.16 7.33 -6.48
C LYS B 83 1.86 7.82 -7.91
N LYS B 84 1.02 8.84 -8.05
CA LYS B 84 0.63 9.35 -9.39
C LYS B 84 1.87 9.94 -10.09
N ARG B 85 2.65 10.74 -9.37
CA ARG B 85 3.84 11.43 -9.95
C ARG B 85 4.84 10.35 -10.38
N GLN B 86 5.01 9.32 -9.58
CA GLN B 86 5.93 8.19 -9.88
C GLN B 86 5.46 7.46 -11.15
N MET B 87 4.16 7.23 -11.29
CA MET B 87 3.63 6.51 -12.46
C MET B 87 3.72 7.42 -13.70
N ASP B 88 3.46 8.72 -13.56
CA ASP B 88 3.64 9.72 -14.63
C ASP B 88 5.12 9.74 -15.10
N ILE B 89 6.09 9.65 -14.18
CA ILE B 89 7.54 9.57 -14.51
C ILE B 89 7.80 8.24 -15.22
N LYS B 90 7.30 7.12 -14.68
CA LYS B 90 7.67 5.77 -15.17
C LYS B 90 7.13 5.56 -16.58
N ASN B 91 5.93 6.04 -16.89
CA ASN B 91 5.17 5.60 -18.09
C ASN B 91 5.38 6.56 -19.28
N ASP B 92 5.62 7.84 -19.04
CA ASP B 92 5.87 8.86 -20.11
C ASP B 92 4.63 9.05 -21.02
N HIS B 93 3.88 10.12 -20.74
CA HIS B 93 2.78 10.74 -21.52
C HIS B 93 1.56 9.81 -21.60
N LYS B 94 1.45 8.83 -20.70
CA LYS B 94 0.20 8.04 -20.55
C LYS B 94 -0.80 8.88 -19.75
N ASN B 95 -2.08 8.76 -20.07
CA ASN B 95 -3.18 9.14 -19.15
C ASN B 95 -3.25 8.02 -18.11
N ASN B 96 -2.64 8.19 -16.93
CA ASN B 96 -2.51 7.07 -15.95
C ASN B 96 -3.75 6.98 -15.04
N GLU B 97 -4.61 8.01 -15.03
CA GLU B 97 -5.68 8.14 -14.03
C GLU B 97 -7.03 8.07 -14.75
N ARG B 98 -7.94 7.25 -14.22
CA ARG B 98 -9.34 7.14 -14.67
C ARG B 98 -10.20 7.46 -13.45
N LEU B 99 -11.40 7.99 -13.69
CA LEU B 99 -12.40 8.24 -12.63
C LEU B 99 -13.37 7.06 -12.63
N LEU B 100 -13.39 6.28 -11.56
CA LEU B 100 -14.12 4.99 -11.54
C LEU B 100 -15.05 4.97 -10.33
N PHE B 101 -15.92 3.97 -10.26
CA PHE B 101 -16.90 3.81 -9.18
C PHE B 101 -16.56 2.60 -8.33
N HIS B 102 -16.91 2.70 -7.05
CA HIS B 102 -16.76 1.61 -6.06
C HIS B 102 -17.98 1.61 -5.15
N GLY B 103 -18.85 0.62 -5.30
CA GLY B 103 -19.99 0.43 -4.38
C GLY B 103 -19.51 -0.34 -3.16
N THR B 104 -19.99 0.01 -1.98
CA THR B 104 -19.63 -0.76 -0.77
C THR B 104 -20.76 -0.68 0.27
N ASP B 105 -20.65 -1.48 1.31
CA ASP B 105 -21.61 -1.54 2.45
C ASP B 105 -21.34 -0.36 3.39
N ALA B 106 -22.35 0.03 4.16
CA ALA B 106 -22.29 1.18 5.09
C ALA B 106 -21.19 0.92 6.11
N ASP B 107 -21.00 -0.33 6.51
CA ASP B 107 -19.99 -0.70 7.53
C ASP B 107 -18.58 -0.35 7.04
N SER B 108 -18.32 -0.32 5.73
CA SER B 108 -16.96 -0.06 5.19
C SER B 108 -16.68 1.44 5.04
N VAL B 109 -17.72 2.29 5.04
CA VAL B 109 -17.62 3.72 4.64
C VAL B 109 -16.66 4.45 5.58
N PRO B 110 -16.78 4.34 6.91
CA PRO B 110 -15.84 5.05 7.79
C PRO B 110 -14.37 4.65 7.58
N TYR B 111 -14.08 3.36 7.38
CA TYR B 111 -12.70 2.87 7.11
C TYR B 111 -12.20 3.45 5.77
N VAL B 112 -12.99 3.39 4.70
CA VAL B 112 -12.55 3.88 3.34
C VAL B 112 -12.33 5.40 3.40
N ASN B 113 -13.19 6.13 4.12
CA ASN B 113 -13.11 7.61 4.23
C ASN B 113 -11.76 7.99 4.83
N GLN B 114 -11.30 7.24 5.85
CA GLN B 114 -10.08 7.54 6.63
C GLN B 114 -8.87 6.87 5.98
N HIS B 115 -9.01 5.65 5.50
CA HIS B 115 -7.85 4.76 5.23
C HIS B 115 -7.77 4.29 3.78
N GLY B 116 -8.80 4.55 2.97
CA GLY B 116 -8.81 4.17 1.55
C GLY B 116 -9.16 2.70 1.33
N PHE B 117 -8.71 2.12 0.22
CA PHE B 117 -9.21 0.84 -0.34
C PHE B 117 -8.20 -0.28 -0.12
N ASN B 118 -8.50 -1.15 0.85
CA ASN B 118 -7.55 -2.18 1.33
C ASN B 118 -7.89 -3.52 0.68
N ARG B 119 -7.02 -4.00 -0.21
CA ARG B 119 -7.19 -5.29 -0.93
C ARG B 119 -7.37 -6.45 0.06
N SER B 120 -6.83 -6.34 1.27
CA SER B 120 -6.93 -7.42 2.29
C SER B 120 -8.38 -7.58 2.73
N CYS B 121 -9.23 -6.58 2.47
CA CYS B 121 -10.67 -6.54 2.87
C CYS B 121 -11.59 -6.79 1.68
N ALA B 122 -11.05 -6.85 0.45
CA ALA B 122 -11.82 -6.85 -0.80
C ALA B 122 -12.69 -8.10 -0.90
N GLY B 123 -13.89 -7.96 -1.48
CA GLY B 123 -14.75 -9.11 -1.80
C GLY B 123 -14.16 -9.94 -2.92
N LYS B 124 -14.45 -11.23 -3.00
CA LYS B 124 -14.20 -11.98 -4.25
C LYS B 124 -15.24 -11.47 -5.24
N ASN B 125 -14.81 -10.98 -6.39
CA ASN B 125 -15.73 -10.51 -7.47
C ASN B 125 -16.37 -11.75 -8.13
N ALA B 126 -17.60 -11.62 -8.64
CA ALA B 126 -18.34 -12.71 -9.32
C ALA B 126 -17.59 -13.16 -10.59
N VAL B 127 -16.95 -12.23 -11.31
CA VAL B 127 -15.94 -12.58 -12.35
C VAL B 127 -14.59 -12.06 -11.83
N SER B 128 -13.72 -12.96 -11.38
CA SER B 128 -12.42 -12.55 -10.78
C SER B 128 -11.32 -12.51 -11.85
N TYR B 129 -10.70 -11.33 -11.93
CA TYR B 129 -9.51 -11.02 -12.76
C TYR B 129 -8.32 -10.78 -11.84
N GLY B 130 -8.43 -11.19 -10.57
CA GLY B 130 -7.33 -11.07 -9.59
C GLY B 130 -7.80 -10.73 -8.19
N LYS B 131 -6.91 -10.93 -7.23
CA LYS B 131 -7.16 -10.69 -5.80
C LYS B 131 -6.74 -9.26 -5.46
N GLY B 132 -7.58 -8.30 -5.84
CA GLY B 132 -7.31 -6.89 -5.57
C GLY B 132 -8.60 -6.14 -5.32
N THR B 133 -8.52 -4.82 -5.31
CA THR B 133 -9.72 -3.94 -5.19
C THR B 133 -10.25 -3.64 -6.60
N TYR B 134 -11.58 -3.77 -6.76
CA TYR B 134 -12.32 -3.67 -8.03
C TYR B 134 -12.95 -2.28 -8.11
N PHE B 135 -12.85 -1.69 -9.30
CA PHE B 135 -13.43 -0.37 -9.67
C PHE B 135 -14.15 -0.53 -11.02
N ALA B 136 -15.36 0.03 -11.12
CA ALA B 136 -16.25 -0.14 -12.30
C ALA B 136 -16.20 1.13 -13.15
N VAL B 137 -16.25 0.97 -14.47
CA VAL B 137 -16.40 2.09 -15.43
C VAL B 137 -17.82 2.66 -15.28
N ASP B 138 -18.81 1.77 -15.08
CA ASP B 138 -20.26 2.11 -15.08
C ASP B 138 -20.79 2.09 -13.65
N ALA B 139 -21.42 3.18 -13.24
CA ALA B 139 -22.11 3.27 -11.93
C ALA B 139 -23.11 2.12 -11.76
N SER B 140 -23.79 1.70 -12.84
CA SER B 140 -24.80 0.60 -12.84
C SER B 140 -24.20 -0.67 -12.23
N TYR B 141 -22.91 -0.90 -12.46
CA TYR B 141 -22.22 -2.12 -11.97
C TYR B 141 -22.04 -2.02 -10.45
N SER B 142 -21.51 -0.88 -9.99
CA SER B 142 -21.34 -0.56 -8.56
C SER B 142 -22.70 -0.46 -7.86
N ALA B 143 -23.79 -0.18 -8.57
CA ALA B 143 -25.13 0.02 -7.97
C ALA B 143 -25.81 -1.31 -7.64
N LYS B 144 -25.26 -2.44 -8.07
CA LYS B 144 -25.76 -3.80 -7.69
C LYS B 144 -25.70 -3.96 -6.16
N ASP B 145 -26.76 -4.50 -5.56
CA ASP B 145 -26.89 -4.68 -4.08
C ASP B 145 -25.72 -5.51 -3.55
N THR B 146 -25.13 -6.35 -4.38
CA THR B 146 -23.97 -7.17 -3.95
C THR B 146 -22.79 -6.24 -3.62
N TYR B 147 -22.67 -5.05 -4.22
CA TYR B 147 -21.57 -4.10 -3.91
C TYR B 147 -22.07 -2.97 -2.98
N SER B 148 -23.01 -2.17 -3.45
CA SER B 148 -23.63 -1.05 -2.68
C SER B 148 -24.81 -1.61 -1.89
N LYS B 149 -24.51 -2.45 -0.90
CA LYS B 149 -25.50 -3.13 -0.04
C LYS B 149 -26.38 -2.07 0.62
N PRO B 150 -27.73 -2.15 0.45
CA PRO B 150 -28.63 -1.19 1.09
C PRO B 150 -28.44 -1.27 2.60
N ASP B 151 -28.30 -0.13 3.28
CA ASP B 151 -28.19 -0.15 4.76
C ASP B 151 -29.61 -0.35 5.33
N SER B 152 -29.75 -0.38 6.65
CA SER B 152 -31.05 -0.63 7.33
C SER B 152 -32.08 0.46 6.98
N ASN B 153 -31.64 1.60 6.42
CA ASN B 153 -32.54 2.71 6.01
C ASN B 153 -32.74 2.74 4.50
N GLY B 154 -32.26 1.72 3.78
CA GLY B 154 -32.40 1.61 2.32
C GLY B 154 -31.42 2.53 1.58
N ARG B 155 -30.40 3.04 2.26
CA ARG B 155 -29.38 3.89 1.57
C ARG B 155 -28.26 3.00 1.01
N LYS B 156 -27.89 3.28 -0.24
CA LYS B 156 -26.76 2.63 -0.94
C LYS B 156 -25.61 3.64 -1.02
N HIS B 157 -24.35 3.17 -0.98
CA HIS B 157 -23.14 4.02 -0.96
C HIS B 157 -22.20 3.59 -2.08
N MET B 158 -21.76 4.59 -2.86
CA MET B 158 -20.89 4.43 -4.04
C MET B 158 -19.86 5.54 -4.00
N TYR B 159 -18.58 5.20 -4.04
CA TYR B 159 -17.49 6.18 -4.14
C TYR B 159 -17.21 6.45 -5.61
N VAL B 160 -16.80 7.68 -5.89
CA VAL B 160 -16.18 8.08 -7.18
C VAL B 160 -14.70 8.23 -6.86
N VAL B 161 -13.85 7.55 -7.63
CA VAL B 161 -12.47 7.22 -7.22
C VAL B 161 -11.52 7.61 -8.37
N ARG B 162 -10.46 8.34 -8.03
CA ARG B 162 -9.31 8.51 -8.94
C ARG B 162 -8.48 7.24 -8.82
N VAL B 163 -8.30 6.52 -9.92
CA VAL B 163 -7.60 5.21 -9.92
C VAL B 163 -6.41 5.29 -10.86
N LEU B 164 -5.23 4.90 -10.39
CA LEU B 164 -4.02 4.87 -11.26
C LEU B 164 -4.01 3.53 -12.00
N THR B 165 -4.78 3.48 -13.09
CA THR B 165 -4.93 2.30 -13.99
C THR B 165 -3.66 2.13 -14.83
N GLY B 166 -2.98 3.24 -15.14
CA GLY B 166 -1.74 3.26 -15.92
C GLY B 166 -1.82 2.40 -17.17
N VAL B 167 -0.83 1.54 -17.34
CA VAL B 167 -0.77 0.54 -18.44
C VAL B 167 -1.32 -0.77 -17.88
N PHE B 168 -2.32 -1.33 -18.55
CA PHE B 168 -3.07 -2.50 -18.04
C PHE B 168 -3.16 -3.61 -19.09
N THR B 169 -3.51 -4.79 -18.59
CA THR B 169 -3.74 -5.99 -19.42
C THR B 169 -4.93 -6.76 -18.84
N LYS B 170 -5.42 -7.73 -19.60
CA LYS B 170 -6.48 -8.65 -19.12
C LYS B 170 -5.93 -9.41 -17.91
N GLY B 171 -6.61 -9.35 -16.78
CA GLY B 171 -6.17 -10.10 -15.59
C GLY B 171 -6.57 -11.57 -15.64
N ARG B 172 -6.33 -12.24 -14.52
CA ARG B 172 -6.72 -13.66 -14.32
CA ARG B 172 -6.63 -13.68 -14.31
C ARG B 172 -6.84 -13.89 -12.81
N ALA B 173 -7.67 -14.86 -12.43
CA ALA B 173 -8.14 -15.10 -11.04
C ALA B 173 -6.96 -15.31 -10.08
N GLY B 174 -5.84 -15.91 -10.51
CA GLY B 174 -4.73 -16.20 -9.58
C GLY B 174 -3.93 -14.98 -9.08
N LEU B 175 -4.00 -13.84 -9.76
CA LEU B 175 -3.07 -12.69 -9.52
C LEU B 175 -3.20 -12.14 -8.10
N VAL B 176 -2.07 -11.93 -7.41
CA VAL B 176 -2.00 -11.18 -6.12
C VAL B 176 -1.31 -9.83 -6.36
N THR B 177 -0.68 -9.67 -7.53
CA THR B 177 -0.14 -8.39 -8.05
C THR B 177 -0.42 -8.40 -9.54
N PRO B 178 -0.30 -7.25 -10.24
CA PRO B 178 -0.48 -7.26 -11.68
C PRO B 178 0.67 -8.09 -12.23
N PRO B 179 0.47 -8.71 -13.40
CA PRO B 179 1.47 -9.61 -13.97
C PRO B 179 2.61 -8.80 -14.56
N PRO B 180 3.75 -9.45 -14.87
CA PRO B 180 4.84 -8.79 -15.57
C PRO B 180 4.45 -8.46 -17.02
N LYS B 181 5.00 -7.38 -17.55
CA LYS B 181 4.87 -7.05 -19.00
C LYS B 181 5.60 -8.10 -19.83
N ASN B 182 6.66 -8.66 -19.25
CA ASN B 182 7.63 -9.56 -19.92
C ASN B 182 7.96 -10.69 -18.96
N PRO B 183 7.69 -11.97 -19.30
CA PRO B 183 7.98 -13.10 -18.40
C PRO B 183 9.45 -13.17 -17.95
N HIS B 184 10.38 -12.71 -18.78
CA HIS B 184 11.84 -12.78 -18.49
C HIS B 184 12.26 -11.61 -17.61
N ASN B 185 11.36 -10.67 -17.33
CA ASN B 185 11.63 -9.56 -16.38
C ASN B 185 10.46 -9.52 -15.40
N PRO B 186 10.40 -10.44 -14.42
CA PRO B 186 9.21 -10.60 -13.59
C PRO B 186 8.83 -9.40 -12.67
N THR B 187 9.74 -8.47 -12.41
CA THR B 187 9.50 -7.34 -11.45
C THR B 187 9.03 -6.10 -12.20
N ASP B 188 8.96 -6.14 -13.53
CA ASP B 188 8.51 -4.95 -14.30
C ASP B 188 7.04 -5.16 -14.65
N LEU B 189 6.14 -4.60 -13.84
CA LEU B 189 4.70 -5.01 -13.79
C LEU B 189 3.85 -4.05 -14.62
N PHE B 190 2.73 -4.57 -15.11
CA PHE B 190 1.55 -3.75 -15.46
C PHE B 190 1.10 -2.97 -14.20
N ASP B 191 0.43 -1.84 -14.38
CA ASP B 191 -0.02 -0.98 -13.25
C ASP B 191 -1.35 -1.51 -12.70
N SER B 192 -2.19 -2.06 -13.57
CA SER B 192 -3.50 -2.63 -13.19
C SER B 192 -3.89 -3.73 -14.17
N VAL B 193 -4.97 -4.45 -13.86
CA VAL B 193 -5.60 -5.39 -14.83
C VAL B 193 -7.07 -5.03 -15.01
N THR B 194 -7.61 -5.47 -16.14
CA THR B 194 -8.99 -5.22 -16.59
C THR B 194 -9.64 -6.54 -17.00
N ASN B 195 -10.93 -6.50 -17.28
CA ASN B 195 -11.70 -7.68 -17.78
C ASN B 195 -11.46 -7.84 -19.28
N ASN B 196 -11.16 -6.74 -19.97
CA ASN B 196 -11.14 -6.70 -21.45
C ASN B 196 -10.44 -5.40 -21.90
N THR B 197 -9.32 -5.48 -22.61
CA THR B 197 -8.54 -4.25 -22.96
C THR B 197 -9.21 -3.52 -24.12
N ARG B 198 -10.00 -4.23 -24.92
CA ARG B 198 -10.78 -3.60 -26.04
C ARG B 198 -11.95 -2.78 -25.47
N SER B 199 -12.70 -3.33 -24.51
CA SER B 199 -13.83 -2.65 -23.82
C SER B 199 -13.72 -2.79 -22.30
N PRO B 200 -12.88 -1.98 -21.62
CA PRO B 200 -12.71 -2.12 -20.18
C PRO B 200 -14.00 -1.72 -19.44
N LYS B 201 -14.52 -2.62 -18.60
CA LYS B 201 -15.67 -2.32 -17.72
C LYS B 201 -15.25 -2.36 -16.24
N LEU B 202 -14.14 -3.05 -15.92
CA LEU B 202 -13.61 -3.04 -14.54
C LEU B 202 -12.09 -3.06 -14.51
N PHE B 203 -11.54 -2.50 -13.44
CA PHE B 203 -10.10 -2.44 -13.16
C PHE B 203 -9.87 -2.98 -11.76
N VAL B 204 -8.79 -3.73 -11.62
CA VAL B 204 -8.33 -4.31 -10.32
C VAL B 204 -7.00 -3.64 -9.99
N VAL B 205 -6.87 -3.12 -8.76
CA VAL B 205 -5.56 -2.60 -8.28
C VAL B 205 -5.15 -3.41 -7.05
N PHE B 206 -3.84 -3.53 -6.87
CA PHE B 206 -3.17 -4.51 -5.98
C PHE B 206 -2.29 -3.80 -4.97
N PHE B 207 -2.22 -2.46 -5.01
CA PHE B 207 -1.37 -1.67 -4.07
C PHE B 207 -2.19 -0.60 -3.35
N ASP B 208 -1.72 -0.31 -2.14
CA ASP B 208 -2.22 0.81 -1.29
C ASP B 208 -1.92 2.13 -1.99
N ASN B 209 -2.82 3.12 -1.90
CA ASN B 209 -2.53 4.51 -2.35
C ASN B 209 -2.50 4.60 -3.88
N GLN B 210 -3.17 3.67 -4.57
CA GLN B 210 -3.29 3.64 -6.04
C GLN B 210 -4.70 4.10 -6.43
N ALA B 211 -5.55 4.36 -5.43
CA ALA B 211 -6.94 4.81 -5.61
C ALA B 211 -7.28 5.84 -4.52
N TYR B 212 -7.73 7.03 -4.90
CA TYR B 212 -8.12 8.09 -3.94
C TYR B 212 -9.64 8.18 -3.98
N PRO B 213 -10.33 7.98 -2.85
CA PRO B 213 -11.78 8.13 -2.82
C PRO B 213 -12.12 9.63 -2.83
N GLU B 214 -12.65 10.16 -3.94
CA GLU B 214 -12.85 11.62 -4.09
C GLU B 214 -14.27 12.03 -3.65
N TYR B 215 -15.28 11.24 -3.99
CA TYR B 215 -16.70 11.57 -3.69
C TYR B 215 -17.41 10.34 -3.17
N LEU B 216 -18.32 10.56 -2.25
CA LEU B 216 -19.25 9.54 -1.75
C LEU B 216 -20.66 9.93 -2.17
N ILE B 217 -21.27 9.08 -3.00
CA ILE B 217 -22.68 9.20 -3.42
C ILE B 217 -23.51 8.34 -2.49
N THR B 218 -24.40 8.97 -1.75
CA THR B 218 -25.53 8.29 -1.06
C THR B 218 -26.77 8.35 -1.96
N PHE B 219 -27.41 7.21 -2.21
CA PHE B 219 -28.57 7.13 -3.13
C PHE B 219 -29.53 6.03 -2.64
N THR B 220 -30.73 6.03 -3.22
CA THR B 220 -31.86 5.16 -2.82
C THR B 220 -32.61 4.78 -4.08
N ALA B 221 -33.48 3.77 -3.99
CA ALA B 221 -34.50 3.45 -5.02
C ALA B 221 -35.60 4.53 -4.97
C4 IAO C . 6.95 -15.01 9.12
C5 IAO C . 8.08 -14.45 8.54
C6 IAO C . 7.65 -15.32 6.32
C7 IAO C . 9.06 -13.88 9.36
C8 IAO C . 8.92 -13.94 10.76
C9 IAO C . 11.05 -12.94 10.14
C10 IAO C . 11.13 -13.12 7.99
N1 IAO C . 12.24 -12.50 9.80
N2 IAO C . 12.27 -12.60 8.40
C3 IAO C . 6.81 -15.06 10.50
N3 IAO C . 10.77 -13.37 6.73
C1 IAO C . 6.80 -15.44 13.31
O1 IAO C . 7.71 -14.51 12.70
C2 IAO C . 7.79 -14.51 11.33
O2 IAO C . 8.26 -14.34 7.17
S1 IAO C . 10.24 -13.17 11.64
N4 IAO C . 10.31 -13.29 9.04
S DMS D . -17.70 -2.67 -7.41
O DMS D . -18.06 -1.22 -7.28
C1 DMS D . -16.65 -3.02 -6.02
C2 DMS D . -16.53 -2.79 -8.70
#